data_9CRB
#
_entry.id   9CRB
#
_entity_poly.entity_id   1
_entity_poly.type   'polypeptide(L)'
_entity_poly.pdbx_seq_one_letter_code
;SCARGCGGDSDCPCPGWHCPSPGGRCEP
;
_entity_poly.pdbx_strand_id   A
#
# COMPACT_ATOMS: atom_id res chain seq x y z
N SER A 1 4.83 9.39 -2.63
CA SER A 1 3.41 9.07 -2.87
C SER A 1 3.27 7.67 -3.46
N CYS A 2 2.58 6.78 -2.76
CA CYS A 2 2.46 5.40 -3.22
C CYS A 2 1.10 4.81 -2.86
N ALA A 3 0.07 5.64 -2.88
CA ALA A 3 -1.29 5.19 -2.64
C ALA A 3 -1.84 4.48 -3.87
N ARG A 4 -1.15 3.44 -4.28
CA ARG A 4 -1.47 2.72 -5.50
C ARG A 4 -2.12 1.38 -5.16
N GLY A 5 -2.54 0.67 -6.20
CA GLY A 5 -3.11 -0.66 -6.03
C GLY A 5 -2.11 -1.61 -5.40
N CYS A 6 -2.33 -1.95 -4.14
CA CYS A 6 -1.39 -2.77 -3.41
C CYS A 6 -1.94 -4.16 -3.18
N GLY A 7 -1.05 -5.15 -3.15
CA GLY A 7 -1.42 -6.49 -2.78
C GLY A 7 -0.89 -6.81 -1.40
N GLY A 8 -0.10 -5.90 -0.88
CA GLY A 8 0.48 -6.05 0.42
C GLY A 8 1.47 -4.94 0.72
N ASP A 9 2.17 -5.05 1.85
CA ASP A 9 3.15 -4.06 2.26
C ASP A 9 4.27 -3.93 1.22
N SER A 10 4.50 -4.99 0.48
CA SER A 10 5.56 -5.02 -0.53
C SER A 10 5.24 -4.10 -1.71
N ASP A 11 4.01 -3.58 -1.75
CA ASP A 11 3.61 -2.63 -2.78
C ASP A 11 3.64 -1.22 -2.22
N CYS A 12 3.93 -1.11 -0.94
CA CYS A 12 4.03 0.19 -0.28
C CYS A 12 5.47 0.49 0.07
N PRO A 13 6.20 1.19 -0.82
CA PRO A 13 7.60 1.53 -0.60
C PRO A 13 7.78 2.72 0.34
N CYS A 14 6.67 3.25 0.80
CA CYS A 14 6.68 4.38 1.71
C CYS A 14 6.70 3.89 3.15
N PRO A 15 7.72 4.30 3.93
CA PRO A 15 7.87 3.84 5.31
C PRO A 15 6.77 4.36 6.22
N GLY A 16 5.97 3.45 6.74
CA GLY A 16 4.89 3.83 7.63
C GLY A 16 3.53 3.57 7.01
N TRP A 17 3.52 3.15 5.76
CA TRP A 17 2.27 2.87 5.06
C TRP A 17 1.85 1.41 5.22
N HIS A 18 0.59 1.15 4.90
CA HIS A 18 0.01 -0.18 5.03
C HIS A 18 -0.94 -0.45 3.89
N CYS A 19 -1.07 -1.70 3.50
CA CYS A 19 -2.06 -2.09 2.51
C CYS A 19 -3.29 -2.66 3.22
N PRO A 20 -4.43 -1.96 3.12
CA PRO A 20 -5.66 -2.34 3.82
C PRO A 20 -6.26 -3.64 3.31
N SER A 21 -6.23 -3.83 1.99
CA SER A 21 -6.79 -5.00 1.37
C SER A 21 -6.12 -5.25 0.02
N PRO A 22 -5.65 -6.47 -0.24
CA PRO A 22 -5.02 -6.84 -1.52
C PRO A 22 -5.92 -6.52 -2.70
N GLY A 23 -5.60 -5.44 -3.41
CA GLY A 23 -6.43 -5.00 -4.51
C GLY A 23 -6.81 -3.53 -4.37
N GLY A 24 -6.77 -3.04 -3.13
CA GLY A 24 -7.10 -1.66 -2.87
C GLY A 24 -5.88 -0.76 -2.98
N ARG A 25 -6.00 0.45 -2.49
CA ARG A 25 -4.90 1.40 -2.55
C ARG A 25 -4.21 1.49 -1.19
N CYS A 26 -2.91 1.70 -1.22
CA CYS A 26 -2.11 1.76 0.00
C CYS A 26 -2.50 2.99 0.83
N GLU A 27 -2.43 2.84 2.15
CA GLU A 27 -2.80 3.92 3.07
C GLU A 27 -1.66 4.14 4.06
N PRO A 28 -1.45 5.38 4.53
CA PRO A 28 -0.45 5.66 5.57
C PRO A 28 -0.86 5.08 6.92
N SER A 1 3.37 10.01 -5.54
CA SER A 1 2.16 9.31 -5.05
C SER A 1 2.50 7.89 -4.65
N CYS A 2 2.10 7.50 -3.46
CA CYS A 2 2.44 6.19 -2.93
C CYS A 2 1.18 5.35 -2.73
N ALA A 3 0.02 5.98 -2.91
CA ALA A 3 -1.25 5.28 -2.78
C ALA A 3 -1.58 4.52 -4.05
N ARG A 4 -0.74 3.57 -4.38
CA ARG A 4 -0.89 2.78 -5.58
C ARG A 4 -1.72 1.54 -5.29
N GLY A 5 -2.03 0.79 -6.35
CA GLY A 5 -2.73 -0.46 -6.18
C GLY A 5 -1.86 -1.49 -5.50
N CYS A 6 -2.21 -1.85 -4.29
CA CYS A 6 -1.38 -2.74 -3.50
C CYS A 6 -2.01 -4.12 -3.41
N GLY A 7 -1.17 -5.14 -3.42
CA GLY A 7 -1.63 -6.49 -3.20
C GLY A 7 -1.12 -7.01 -1.89
N GLY A 8 -0.48 -6.12 -1.15
CA GLY A 8 0.09 -6.44 0.13
C GLY A 8 1.02 -5.36 0.60
N ASP A 9 1.60 -5.54 1.77
CA ASP A 9 2.51 -4.57 2.37
C ASP A 9 3.72 -4.32 1.47
N SER A 10 4.06 -5.31 0.67
CA SER A 10 5.23 -5.24 -0.19
C SER A 10 5.06 -4.18 -1.29
N ASP A 11 3.82 -3.83 -1.58
CA ASP A 11 3.53 -2.82 -2.61
C ASP A 11 3.70 -1.42 -2.06
N CYS A 12 3.88 -1.32 -0.76
CA CYS A 12 4.06 -0.03 -0.11
C CYS A 12 5.52 0.21 0.22
N PRO A 13 6.23 0.95 -0.65
CA PRO A 13 7.66 1.23 -0.49
C PRO A 13 7.93 2.39 0.46
N CYS A 14 6.85 3.00 0.93
CA CYS A 14 6.93 4.16 1.78
C CYS A 14 6.73 3.77 3.24
N PRO A 15 7.60 4.25 4.15
CA PRO A 15 7.51 3.95 5.58
C PRO A 15 6.19 4.41 6.19
N GLY A 16 5.55 3.50 6.90
CA GLY A 16 4.31 3.82 7.58
C GLY A 16 3.10 3.43 6.77
N TRP A 17 3.29 3.22 5.48
CA TRP A 17 2.21 2.85 4.59
C TRP A 17 1.91 1.37 4.69
N HIS A 18 0.65 1.01 4.51
CA HIS A 18 0.22 -0.38 4.58
C HIS A 18 -0.84 -0.65 3.52
N CYS A 19 -1.09 -1.91 3.25
CA CYS A 19 -2.13 -2.29 2.30
C CYS A 19 -3.35 -2.79 3.06
N PRO A 20 -4.39 -1.95 3.18
CA PRO A 20 -5.61 -2.27 3.92
C PRO A 20 -6.28 -3.53 3.41
N SER A 21 -6.25 -3.73 2.10
CA SER A 21 -6.85 -4.89 1.48
C SER A 21 -6.12 -5.21 0.18
N PRO A 22 -5.56 -6.43 0.06
CA PRO A 22 -4.88 -6.89 -1.16
C PRO A 22 -5.75 -6.72 -2.40
N GLY A 23 -5.43 -5.71 -3.20
CA GLY A 23 -6.24 -5.38 -4.35
C GLY A 23 -6.72 -3.93 -4.32
N GLY A 24 -6.51 -3.28 -3.19
CA GLY A 24 -6.92 -1.90 -3.04
C GLY A 24 -5.75 -0.94 -3.16
N ARG A 25 -5.86 0.20 -2.50
CA ARG A 25 -4.79 1.20 -2.53
C ARG A 25 -3.98 1.18 -1.24
N CYS A 26 -2.75 1.65 -1.32
CA CYS A 26 -1.89 1.76 -0.15
C CYS A 26 -2.26 2.99 0.66
N GLU A 27 -2.20 2.87 1.98
CA GLU A 27 -2.59 3.96 2.88
C GLU A 27 -1.67 4.05 4.08
N PRO A 28 -1.27 5.26 4.48
CA PRO A 28 -0.47 5.50 5.67
C PRO A 28 -1.34 5.73 6.90
N SER A 1 1.77 9.76 -3.98
CA SER A 1 2.80 8.99 -4.70
C SER A 1 2.83 7.53 -4.27
N CYS A 2 2.39 7.25 -3.04
CA CYS A 2 2.49 5.89 -2.51
C CYS A 2 1.11 5.24 -2.39
N ALA A 3 0.06 5.99 -2.70
CA ALA A 3 -1.30 5.45 -2.64
C ALA A 3 -1.65 4.75 -3.94
N ARG A 4 -0.90 3.72 -4.27
CA ARG A 4 -1.09 3.01 -5.51
C ARG A 4 -1.87 1.72 -5.27
N GLY A 5 -2.11 0.98 -6.33
CA GLY A 5 -2.75 -0.30 -6.21
C GLY A 5 -1.85 -1.32 -5.55
N CYS A 6 -2.17 -1.68 -4.32
CA CYS A 6 -1.31 -2.55 -3.56
C CYS A 6 -1.90 -3.94 -3.45
N GLY A 7 -1.03 -4.94 -3.41
CA GLY A 7 -1.46 -6.29 -3.18
C GLY A 7 -0.95 -6.81 -1.87
N GLY A 8 -0.25 -5.94 -1.15
CA GLY A 8 0.32 -6.29 0.12
C GLY A 8 1.30 -5.24 0.60
N ASP A 9 1.99 -5.54 1.68
CA ASP A 9 2.91 -4.60 2.31
C ASP A 9 4.10 -4.30 1.40
N SER A 10 4.43 -5.24 0.52
CA SER A 10 5.55 -5.08 -0.38
C SER A 10 5.27 -4.01 -1.44
N ASP A 11 3.99 -3.74 -1.67
CA ASP A 11 3.60 -2.70 -2.62
C ASP A 11 3.59 -1.35 -1.93
N CYS A 12 3.86 -1.36 -0.64
CA CYS A 12 3.96 -0.13 0.14
C CYS A 12 5.37 0.02 0.71
N PRO A 13 6.35 0.39 -0.13
CA PRO A 13 7.75 0.54 0.30
C PRO A 13 7.96 1.84 1.07
N CYS A 14 6.98 2.73 0.96
CA CYS A 14 7.05 4.02 1.62
C CYS A 14 6.85 3.85 3.13
N PRO A 15 7.70 4.49 3.94
CA PRO A 15 7.69 4.33 5.39
C PRO A 15 6.39 4.82 6.03
N GLY A 16 5.69 3.90 6.66
CA GLY A 16 4.46 4.25 7.35
C GLY A 16 3.24 3.82 6.58
N TRP A 17 3.44 3.38 5.35
CA TRP A 17 2.34 2.96 4.50
C TRP A 17 2.06 1.46 4.64
N HIS A 18 0.79 1.11 4.57
CA HIS A 18 0.37 -0.28 4.68
C HIS A 18 -0.72 -0.56 3.65
N CYS A 19 -0.85 -1.82 3.27
CA CYS A 19 -1.89 -2.21 2.32
C CYS A 19 -3.08 -2.81 3.07
N PRO A 20 -4.18 -2.04 3.17
CA PRO A 20 -5.36 -2.46 3.92
C PRO A 20 -6.14 -3.56 3.20
N SER A 21 -6.05 -3.58 1.88
CA SER A 21 -6.81 -4.53 1.08
C SER A 21 -6.02 -4.93 -0.16
N PRO A 22 -5.69 -6.22 -0.31
CA PRO A 22 -5.04 -6.75 -1.50
C PRO A 22 -5.87 -6.48 -2.76
N GLY A 23 -5.40 -5.54 -3.58
CA GLY A 23 -6.15 -5.14 -4.76
C GLY A 23 -6.69 -3.73 -4.61
N GLY A 24 -6.51 -3.15 -3.42
CA GLY A 24 -6.94 -1.80 -3.18
C GLY A 24 -5.79 -0.83 -3.24
N ARG A 25 -5.92 0.32 -2.61
CA ARG A 25 -4.85 1.30 -2.59
C ARG A 25 -4.15 1.31 -1.25
N CYS A 26 -2.90 1.74 -1.26
CA CYS A 26 -2.09 1.80 -0.06
C CYS A 26 -2.51 2.99 0.79
N GLU A 27 -2.41 2.83 2.11
CA GLU A 27 -2.81 3.89 3.04
C GLU A 27 -1.81 3.98 4.19
N PRO A 28 -1.46 5.20 4.63
CA PRO A 28 -0.61 5.41 5.77
C PRO A 28 -1.40 5.56 7.06
N SER A 1 1.51 10.66 -2.51
CA SER A 1 1.82 10.06 -3.81
C SER A 1 2.37 8.64 -3.62
N CYS A 2 1.66 7.82 -2.85
CA CYS A 2 2.10 6.45 -2.59
C CYS A 2 0.90 5.52 -2.47
N ALA A 3 -0.28 6.06 -2.77
CA ALA A 3 -1.52 5.30 -2.67
C ALA A 3 -1.75 4.50 -3.95
N ARG A 4 -0.97 3.47 -4.11
CA ARG A 4 -1.04 2.63 -5.30
C ARG A 4 -1.96 1.45 -5.05
N GLY A 5 -2.28 0.74 -6.12
CA GLY A 5 -3.06 -0.47 -6.00
C GLY A 5 -2.23 -1.59 -5.43
N CYS A 6 -2.44 -1.90 -4.16
CA CYS A 6 -1.57 -2.81 -3.45
C CYS A 6 -2.23 -4.16 -3.22
N GLY A 7 -1.42 -5.19 -3.19
CA GLY A 7 -1.90 -6.50 -2.82
C GLY A 7 -1.29 -6.94 -1.50
N GLY A 8 -0.39 -6.11 -1.02
CA GLY A 8 0.27 -6.37 0.23
C GLY A 8 1.21 -5.23 0.58
N ASP A 9 1.85 -5.35 1.74
CA ASP A 9 2.79 -4.33 2.24
C ASP A 9 3.90 -4.07 1.23
N SER A 10 4.27 -5.10 0.49
CA SER A 10 5.39 -5.05 -0.44
C SER A 10 5.13 -4.03 -1.55
N ASP A 11 3.87 -3.78 -1.86
CA ASP A 11 3.52 -2.86 -2.95
C ASP A 11 3.70 -1.42 -2.50
N CYS A 12 3.74 -1.21 -1.20
CA CYS A 12 3.94 0.12 -0.64
C CYS A 12 5.41 0.32 -0.29
N PRO A 13 6.14 1.09 -1.12
CA PRO A 13 7.57 1.31 -0.93
C PRO A 13 7.88 2.47 0.01
N CYS A 14 6.83 3.01 0.60
CA CYS A 14 6.97 4.14 1.50
C CYS A 14 6.94 3.67 2.95
N PRO A 15 8.01 3.94 3.70
CA PRO A 15 8.12 3.52 5.10
C PRO A 15 7.10 4.21 5.99
N GLY A 16 6.04 3.48 6.31
CA GLY A 16 4.98 4.01 7.12
C GLY A 16 3.62 3.67 6.58
N TRP A 17 3.59 3.30 5.31
CA TRP A 17 2.33 2.93 4.66
C TRP A 17 2.02 1.46 4.87
N HIS A 18 0.79 1.08 4.55
CA HIS A 18 0.34 -0.29 4.71
C HIS A 18 -0.75 -0.59 3.68
N CYS A 19 -0.96 -1.87 3.39
CA CYS A 19 -2.02 -2.26 2.47
C CYS A 19 -3.21 -2.77 3.27
N PRO A 20 -4.32 -2.01 3.30
CA PRO A 20 -5.50 -2.34 4.10
C PRO A 20 -6.25 -3.56 3.56
N SER A 21 -6.18 -3.76 2.25
CA SER A 21 -6.87 -4.86 1.61
C SER A 21 -6.14 -5.27 0.34
N PRO A 22 -5.84 -6.56 0.17
CA PRO A 22 -5.20 -7.07 -1.04
C PRO A 22 -6.04 -6.80 -2.28
N GLY A 23 -5.57 -5.89 -3.12
CA GLY A 23 -6.32 -5.48 -4.28
C GLY A 23 -6.91 -4.10 -4.10
N GLY A 24 -6.59 -3.47 -2.99
CA GLY A 24 -7.08 -2.14 -2.70
C GLY A 24 -6.02 -1.09 -2.88
N ARG A 25 -6.25 0.09 -2.32
CA ARG A 25 -5.32 1.20 -2.46
C ARG A 25 -4.52 1.36 -1.18
N CYS A 26 -3.21 1.57 -1.33
CA CYS A 26 -2.31 1.71 -0.19
C CYS A 26 -2.68 2.90 0.67
N GLU A 27 -2.53 2.74 1.98
CA GLU A 27 -2.89 3.77 2.94
C GLU A 27 -1.74 3.97 3.93
N PRO A 28 -1.49 5.21 4.38
CA PRO A 28 -0.45 5.49 5.37
C PRO A 28 -0.75 4.84 6.72
N SER A 1 4.75 7.80 -5.52
CA SER A 1 4.85 6.35 -5.23
C SER A 1 3.93 5.95 -4.07
N CYS A 2 3.27 6.91 -3.45
CA CYS A 2 2.37 6.63 -2.34
C CYS A 2 0.93 6.49 -2.82
N ALA A 3 0.12 5.78 -2.02
CA ALA A 3 -1.29 5.55 -2.31
C ALA A 3 -1.48 4.90 -3.69
N ARG A 4 -0.74 3.84 -3.93
CA ARG A 4 -0.80 3.14 -5.20
C ARG A 4 -1.63 1.87 -5.05
N GLY A 5 -1.88 1.21 -6.17
CA GLY A 5 -2.57 -0.05 -6.16
C GLY A 5 -1.71 -1.13 -5.55
N CYS A 6 -2.00 -1.48 -4.31
CA CYS A 6 -1.18 -2.42 -3.59
C CYS A 6 -1.88 -3.76 -3.45
N GLY A 7 -1.08 -4.81 -3.33
CA GLY A 7 -1.60 -6.12 -3.03
C GLY A 7 -1.10 -6.58 -1.68
N GLY A 8 -0.42 -5.68 -1.01
CA GLY A 8 0.17 -5.95 0.28
C GLY A 8 1.18 -4.89 0.65
N ASP A 9 1.79 -5.04 1.81
CA ASP A 9 2.81 -4.10 2.29
C ASP A 9 3.97 -4.01 1.32
N SER A 10 4.20 -5.11 0.61
CA SER A 10 5.30 -5.21 -0.34
C SER A 10 5.13 -4.25 -1.51
N ASP A 11 3.91 -3.79 -1.72
CA ASP A 11 3.62 -2.88 -2.82
C ASP A 11 3.66 -1.43 -2.36
N CYS A 12 3.86 -1.24 -1.06
CA CYS A 12 3.93 0.09 -0.48
C CYS A 12 5.38 0.51 -0.27
N PRO A 13 5.93 1.34 -1.17
CA PRO A 13 7.31 1.81 -1.09
C PRO A 13 7.45 3.00 -0.15
N CYS A 14 6.34 3.40 0.43
CA CYS A 14 6.30 4.53 1.35
C CYS A 14 6.38 4.05 2.79
N PRO A 15 7.39 4.51 3.54
CA PRO A 15 7.56 4.14 4.95
C PRO A 15 6.38 4.60 5.81
N GLY A 16 5.87 3.69 6.61
CA GLY A 16 4.78 4.01 7.52
C GLY A 16 3.43 3.74 6.92
N TRP A 17 3.40 3.34 5.65
CA TRP A 17 2.16 3.05 4.97
C TRP A 17 1.80 1.57 5.09
N HIS A 18 0.53 1.27 4.85
CA HIS A 18 0.01 -0.08 4.96
C HIS A 18 -0.96 -0.35 3.81
N CYS A 19 -1.11 -1.62 3.44
CA CYS A 19 -2.09 -1.98 2.44
C CYS A 19 -3.27 -2.68 3.12
N PRO A 20 -4.46 -2.07 3.06
CA PRO A 20 -5.66 -2.57 3.75
C PRO A 20 -6.15 -3.90 3.19
N SER A 21 -5.97 -4.10 1.90
CA SER A 21 -6.45 -5.31 1.23
C SER A 21 -5.59 -5.61 0.01
N PRO A 22 -5.35 -6.90 -0.27
CA PRO A 22 -4.63 -7.33 -1.49
C PRO A 22 -5.40 -7.00 -2.76
N GLY A 23 -5.47 -5.71 -3.06
CA GLY A 23 -6.21 -5.24 -4.23
C GLY A 23 -6.91 -3.93 -3.95
N GLY A 24 -6.13 -2.93 -3.56
CA GLY A 24 -6.68 -1.63 -3.25
C GLY A 24 -5.60 -0.56 -3.22
N ARG A 25 -5.87 0.54 -2.54
CA ARG A 25 -4.89 1.62 -2.45
C ARG A 25 -4.17 1.56 -1.11
N CYS A 26 -2.89 1.87 -1.13
CA CYS A 26 -2.08 1.89 0.07
C CYS A 26 -2.45 3.11 0.92
N GLU A 27 -2.45 2.93 2.23
CA GLU A 27 -2.86 3.98 3.15
C GLU A 27 -1.79 4.19 4.21
N PRO A 28 -1.67 5.41 4.77
CA PRO A 28 -0.76 5.67 5.88
C PRO A 28 -1.21 4.95 7.15
N SER A 1 4.35 5.48 -7.84
CA SER A 1 5.15 4.43 -7.19
C SER A 1 4.57 4.07 -5.81
N CYS A 2 4.19 5.08 -5.04
CA CYS A 2 3.59 4.85 -3.73
C CYS A 2 2.09 5.07 -3.81
N ALA A 3 1.33 4.32 -3.01
CA ALA A 3 -0.13 4.40 -3.00
C ALA A 3 -0.71 3.87 -4.32
N ARG A 4 -2.00 4.14 -4.53
CA ARG A 4 -2.71 3.78 -5.76
C ARG A 4 -2.98 2.27 -5.84
N GLY A 5 -1.94 1.47 -6.00
CA GLY A 5 -2.15 0.05 -6.16
C GLY A 5 -1.14 -0.78 -5.37
N CYS A 6 -1.62 -1.55 -4.41
CA CYS A 6 -0.77 -2.43 -3.64
C CYS A 6 -1.38 -3.82 -3.54
N GLY A 7 -0.54 -4.82 -3.36
CA GLY A 7 -1.00 -6.16 -3.12
C GLY A 7 -0.57 -6.65 -1.76
N GLY A 8 0.21 -5.82 -1.08
CA GLY A 8 0.70 -6.14 0.23
C GLY A 8 1.58 -5.05 0.79
N ASP A 9 2.08 -5.28 1.99
CA ASP A 9 2.92 -4.31 2.71
C ASP A 9 4.16 -3.94 1.89
N SER A 10 4.66 -4.89 1.11
CA SER A 10 5.88 -4.71 0.35
C SER A 10 5.68 -3.72 -0.80
N ASP A 11 4.44 -3.50 -1.20
CA ASP A 11 4.15 -2.59 -2.31
C ASP A 11 4.17 -1.16 -1.84
N CYS A 12 4.15 -0.97 -0.54
CA CYS A 12 4.17 0.36 0.04
C CYS A 12 5.60 0.75 0.40
N PRO A 13 6.25 1.58 -0.43
CA PRO A 13 7.63 2.02 -0.20
C PRO A 13 7.69 3.12 0.85
N CYS A 14 6.54 3.73 1.11
CA CYS A 14 6.44 4.81 2.07
C CYS A 14 6.36 4.24 3.48
N PRO A 15 7.27 4.67 4.36
CA PRO A 15 7.34 4.17 5.74
C PRO A 15 6.12 4.56 6.57
N GLY A 16 5.46 3.56 7.13
CA GLY A 16 4.30 3.80 7.95
C GLY A 16 3.02 3.40 7.26
N TRP A 17 3.07 3.36 5.94
CA TRP A 17 1.91 3.03 5.14
C TRP A 17 1.55 1.56 5.28
N HIS A 18 0.36 1.21 4.83
CA HIS A 18 -0.12 -0.15 4.93
C HIS A 18 -1.05 -0.47 3.76
N CYS A 19 -1.07 -1.72 3.36
CA CYS A 19 -1.96 -2.15 2.28
C CYS A 19 -3.17 -2.87 2.87
N PRO A 20 -4.31 -2.18 2.95
CA PRO A 20 -5.53 -2.73 3.57
C PRO A 20 -6.23 -3.77 2.70
N SER A 21 -5.99 -3.70 1.39
CA SER A 21 -6.69 -4.56 0.45
C SER A 21 -5.73 -5.10 -0.61
N PRO A 22 -5.60 -6.43 -0.71
CA PRO A 22 -4.80 -7.07 -1.75
C PRO A 22 -5.30 -6.72 -3.15
N GLY A 23 -4.65 -5.76 -3.79
CA GLY A 23 -5.06 -5.31 -5.10
C GLY A 23 -5.68 -3.94 -5.05
N GLY A 24 -5.81 -3.39 -3.85
CA GLY A 24 -6.40 -2.08 -3.70
C GLY A 24 -5.34 -0.99 -3.60
N ARG A 25 -5.63 0.05 -2.86
CA ARG A 25 -4.69 1.14 -2.70
C ARG A 25 -4.00 1.08 -1.34
N CYS A 26 -2.78 1.58 -1.29
CA CYS A 26 -2.05 1.66 -0.04
C CYS A 26 -2.46 2.94 0.69
N GLU A 27 -2.46 2.88 2.00
CA GLU A 27 -2.89 4.01 2.81
C GLU A 27 -1.92 4.24 3.96
N PRO A 28 -1.75 5.50 4.39
CA PRO A 28 -0.89 5.83 5.53
C PRO A 28 -1.44 5.25 6.83
N SER A 1 2.39 9.75 -3.31
CA SER A 1 2.22 9.14 -4.64
C SER A 1 2.18 7.61 -4.56
N CYS A 2 2.36 7.05 -3.36
CA CYS A 2 2.46 5.60 -3.24
C CYS A 2 1.16 4.98 -2.72
N ALA A 3 0.04 5.68 -2.90
CA ALA A 3 -1.26 5.12 -2.58
C ALA A 3 -1.83 4.41 -3.80
N ARG A 4 -1.09 3.43 -4.29
CA ARG A 4 -1.45 2.71 -5.49
C ARG A 4 -2.11 1.39 -5.13
N GLY A 5 -2.58 0.68 -6.14
CA GLY A 5 -3.16 -0.63 -5.93
C GLY A 5 -2.14 -1.61 -5.41
N CYS A 6 -2.28 -1.96 -4.14
CA CYS A 6 -1.31 -2.83 -3.49
C CYS A 6 -1.91 -4.21 -3.28
N GLY A 7 -1.03 -5.21 -3.25
CA GLY A 7 -1.46 -6.56 -2.95
C GLY A 7 -0.99 -6.99 -1.59
N GLY A 8 -0.18 -6.14 -0.97
CA GLY A 8 0.35 -6.43 0.34
C GLY A 8 1.21 -5.29 0.84
N ASP A 9 1.72 -5.45 2.05
CA ASP A 9 2.53 -4.42 2.71
C ASP A 9 3.80 -4.17 1.94
N SER A 10 4.28 -5.20 1.24
CA SER A 10 5.54 -5.15 0.54
C SER A 10 5.44 -4.30 -0.72
N ASP A 11 4.22 -3.92 -1.10
CA ASP A 11 4.02 -3.10 -2.29
C ASP A 11 4.30 -1.64 -1.98
N CYS A 12 4.10 -1.26 -0.73
CA CYS A 12 4.25 0.12 -0.30
C CYS A 12 5.73 0.47 -0.11
N PRO A 13 6.27 1.34 -0.97
CA PRO A 13 7.67 1.77 -0.90
C PRO A 13 7.90 2.89 0.11
N CYS A 14 6.82 3.44 0.63
CA CYS A 14 6.90 4.50 1.61
C CYS A 14 6.87 3.91 3.02
N PRO A 15 7.84 4.29 3.86
CA PRO A 15 7.96 3.74 5.21
C PRO A 15 6.80 4.16 6.12
N GLY A 16 6.15 3.18 6.70
CA GLY A 16 5.04 3.43 7.59
C GLY A 16 3.71 3.10 6.94
N TRP A 17 3.72 3.02 5.61
CA TRP A 17 2.52 2.73 4.86
C TRP A 17 2.16 1.26 4.93
N HIS A 18 0.88 0.98 4.78
CA HIS A 18 0.38 -0.39 4.90
C HIS A 18 -0.68 -0.64 3.84
N CYS A 19 -0.88 -1.90 3.49
CA CYS A 19 -1.90 -2.25 2.51
C CYS A 19 -3.11 -2.83 3.22
N PRO A 20 -4.21 -2.06 3.29
CA PRO A 20 -5.44 -2.48 3.99
C PRO A 20 -6.19 -3.59 3.27
N SER A 21 -6.00 -3.67 1.95
CA SER A 21 -6.69 -4.65 1.15
C SER A 21 -5.89 -4.96 -0.11
N PRO A 22 -5.73 -6.26 -0.44
CA PRO A 22 -4.99 -6.68 -1.63
C PRO A 22 -5.67 -6.25 -2.92
N GLY A 23 -6.90 -5.78 -2.78
CA GLY A 23 -7.62 -5.22 -3.89
C GLY A 23 -7.93 -3.75 -3.68
N GLY A 24 -7.05 -3.09 -2.95
CA GLY A 24 -7.22 -1.68 -2.68
C GLY A 24 -5.94 -0.90 -2.83
N ARG A 25 -5.92 0.32 -2.31
CA ARG A 25 -4.76 1.19 -2.42
C ARG A 25 -4.01 1.22 -1.08
N CYS A 26 -2.73 1.59 -1.15
CA CYS A 26 -1.91 1.68 0.05
C CYS A 26 -2.26 2.92 0.87
N GLU A 27 -2.19 2.79 2.19
CA GLU A 27 -2.52 3.87 3.10
C GLU A 27 -1.46 3.97 4.20
N PRO A 28 -1.17 5.18 4.69
CA PRO A 28 -0.19 5.39 5.76
C PRO A 28 -0.65 4.80 7.08
N SER A 1 2.92 10.37 -5.23
CA SER A 1 1.75 9.58 -4.82
C SER A 1 2.18 8.15 -4.48
N CYS A 2 2.04 7.79 -3.21
CA CYS A 2 2.46 6.48 -2.73
C CYS A 2 1.24 5.57 -2.59
N ALA A 3 0.05 6.17 -2.70
CA ALA A 3 -1.20 5.42 -2.61
C ALA A 3 -1.48 4.68 -3.91
N ARG A 4 -0.69 3.64 -4.16
CA ARG A 4 -0.85 2.85 -5.37
C ARG A 4 -1.67 1.61 -5.09
N GLY A 5 -2.01 0.90 -6.15
CA GLY A 5 -2.73 -0.35 -6.03
C GLY A 5 -1.84 -1.42 -5.43
N CYS A 6 -2.12 -1.80 -4.20
CA CYS A 6 -1.27 -2.71 -3.47
C CYS A 6 -1.90 -4.08 -3.34
N GLY A 7 -1.08 -5.11 -3.26
CA GLY A 7 -1.55 -6.45 -2.99
C GLY A 7 -1.13 -6.87 -1.60
N GLY A 8 -0.35 -6.02 -0.98
CA GLY A 8 0.15 -6.26 0.35
C GLY A 8 1.11 -5.18 0.78
N ASP A 9 1.69 -5.36 1.96
CA ASP A 9 2.63 -4.39 2.52
C ASP A 9 3.82 -4.19 1.59
N SER A 10 4.16 -5.24 0.85
CA SER A 10 5.34 -5.24 -0.01
C SER A 10 5.19 -4.29 -1.20
N ASP A 11 3.97 -3.90 -1.51
CA ASP A 11 3.72 -2.99 -2.63
C ASP A 11 4.00 -1.55 -2.21
N CYS A 12 3.95 -1.30 -0.92
CA CYS A 12 4.16 0.04 -0.40
C CYS A 12 5.66 0.27 -0.16
N PRO A 13 6.28 1.16 -0.96
CA PRO A 13 7.70 1.47 -0.85
C PRO A 13 7.97 2.54 0.21
N CYS A 14 6.90 3.08 0.78
CA CYS A 14 7.01 4.11 1.78
C CYS A 14 6.92 3.52 3.18
N PRO A 15 8.05 3.53 3.93
CA PRO A 15 8.10 2.96 5.28
C PRO A 15 7.11 3.64 6.22
N GLY A 16 6.09 2.90 6.60
CA GLY A 16 5.07 3.43 7.49
C GLY A 16 3.68 3.22 6.92
N TRP A 17 3.62 3.13 5.60
CA TRP A 17 2.36 2.89 4.90
C TRP A 17 1.93 1.45 5.05
N HIS A 18 0.67 1.19 4.78
CA HIS A 18 0.10 -0.15 4.90
C HIS A 18 -0.93 -0.40 3.82
N CYS A 19 -1.08 -1.66 3.44
CA CYS A 19 -2.10 -2.04 2.48
C CYS A 19 -3.31 -2.58 3.22
N PRO A 20 -4.45 -1.87 3.16
CA PRO A 20 -5.68 -2.25 3.86
C PRO A 20 -6.30 -3.53 3.31
N SER A 21 -6.25 -3.69 1.99
CA SER A 21 -6.83 -4.84 1.33
C SER A 21 -6.13 -5.10 0.00
N PRO A 22 -5.70 -6.35 -0.25
CA PRO A 22 -5.08 -6.74 -1.52
C PRO A 22 -5.96 -6.39 -2.72
N GLY A 23 -5.47 -5.50 -3.57
CA GLY A 23 -6.24 -5.06 -4.70
C GLY A 23 -6.70 -3.62 -4.54
N GLY A 24 -6.49 -3.08 -3.34
CA GLY A 24 -6.86 -1.72 -3.06
C GLY A 24 -5.69 -0.77 -3.11
N ARG A 25 -5.82 0.37 -2.47
CA ARG A 25 -4.76 1.38 -2.47
C ARG A 25 -4.00 1.37 -1.16
N CYS A 26 -2.72 1.69 -1.23
CA CYS A 26 -1.89 1.77 -0.04
C CYS A 26 -2.26 3.01 0.76
N GLU A 27 -2.27 2.87 2.08
CA GLU A 27 -2.66 3.97 2.95
C GLU A 27 -1.59 4.27 3.99
N PRO A 28 -1.40 5.56 4.34
CA PRO A 28 -0.43 5.96 5.35
C PRO A 28 -0.82 5.47 6.74
N SER A 1 2.13 9.68 -3.83
CA SER A 1 3.03 8.91 -4.71
C SER A 1 2.78 7.41 -4.58
N CYS A 2 2.78 6.90 -3.35
CA CYS A 2 2.66 5.47 -3.13
C CYS A 2 1.25 5.06 -2.74
N ALA A 3 0.30 5.97 -2.91
CA ALA A 3 -1.09 5.67 -2.62
C ALA A 3 -1.76 5.03 -3.83
N ARG A 4 -1.12 3.99 -4.35
CA ARG A 4 -1.59 3.30 -5.53
C ARG A 4 -2.06 1.90 -5.18
N GLY A 5 -2.34 1.10 -6.20
CA GLY A 5 -2.79 -0.26 -5.99
C GLY A 5 -1.74 -1.10 -5.27
N CYS A 6 -2.16 -1.77 -4.22
CA CYS A 6 -1.28 -2.66 -3.48
C CYS A 6 -1.95 -4.01 -3.29
N GLY A 7 -1.13 -5.03 -3.09
CA GLY A 7 -1.65 -6.34 -2.76
C GLY A 7 -1.12 -6.79 -1.40
N GLY A 8 -0.22 -5.98 -0.86
CA GLY A 8 0.35 -6.25 0.42
C GLY A 8 1.30 -5.16 0.85
N ASP A 9 1.91 -5.32 2.01
CA ASP A 9 2.84 -4.32 2.56
C ASP A 9 4.05 -4.12 1.65
N SER A 10 4.43 -5.17 0.94
CA SER A 10 5.62 -5.14 0.11
C SER A 10 5.42 -4.27 -1.13
N ASP A 11 4.17 -3.91 -1.40
CA ASP A 11 3.86 -3.06 -2.55
C ASP A 11 4.06 -1.60 -2.20
N CYS A 12 3.95 -1.29 -0.91
CA CYS A 12 4.11 0.08 -0.44
C CYS A 12 5.57 0.38 -0.14
N PRO A 13 6.22 1.21 -0.97
CA PRO A 13 7.63 1.57 -0.79
C PRO A 13 7.84 2.58 0.34
N CYS A 14 6.78 3.28 0.70
CA CYS A 14 6.84 4.30 1.73
C CYS A 14 6.77 3.65 3.12
N PRO A 15 7.75 3.95 3.98
CA PRO A 15 7.77 3.42 5.34
C PRO A 15 6.63 3.97 6.18
N GLY A 16 5.90 3.07 6.82
CA GLY A 16 4.75 3.46 7.61
C GLY A 16 3.46 3.14 6.91
N TRP A 17 3.52 3.07 5.59
CA TRP A 17 2.36 2.77 4.78
C TRP A 17 2.04 1.29 4.79
N HIS A 18 0.77 0.97 4.63
CA HIS A 18 0.30 -0.40 4.70
C HIS A 18 -0.77 -0.64 3.65
N CYS A 19 -1.05 -1.89 3.36
CA CYS A 19 -2.09 -2.23 2.41
C CYS A 19 -3.31 -2.75 3.16
N PRO A 20 -4.40 -1.94 3.20
CA PRO A 20 -5.61 -2.29 3.96
C PRO A 20 -6.30 -3.55 3.43
N SER A 21 -6.16 -3.80 2.14
CA SER A 21 -6.74 -4.98 1.53
C SER A 21 -5.90 -5.41 0.34
N PRO A 22 -5.63 -6.73 0.22
CA PRO A 22 -4.84 -7.27 -0.90
C PRO A 22 -5.56 -7.08 -2.24
N GLY A 23 -5.39 -5.91 -2.83
CA GLY A 23 -6.08 -5.57 -4.06
C GLY A 23 -6.64 -4.16 -4.02
N GLY A 24 -6.40 -3.45 -2.92
CA GLY A 24 -6.86 -2.09 -2.78
C GLY A 24 -5.73 -1.09 -2.99
N ARG A 25 -5.90 0.12 -2.47
CA ARG A 25 -4.85 1.13 -2.57
C ARG A 25 -4.12 1.28 -1.23
N CYS A 26 -2.86 1.68 -1.29
CA CYS A 26 -2.02 1.78 -0.11
C CYS A 26 -2.45 2.96 0.77
N GLU A 27 -2.30 2.79 2.07
CA GLU A 27 -2.71 3.79 3.05
C GLU A 27 -1.63 3.97 4.11
N PRO A 28 -1.38 5.21 4.56
CA PRO A 28 -0.42 5.48 5.61
C PRO A 28 -0.97 5.19 7.01
N SER A 1 3.54 10.36 -4.37
CA SER A 1 2.71 9.44 -3.58
C SER A 1 2.96 8.00 -4.03
N CYS A 2 2.52 7.04 -3.22
CA CYS A 2 2.66 5.64 -3.55
C CYS A 2 1.36 4.90 -3.24
N ALA A 3 0.25 5.62 -3.36
CA ALA A 3 -1.07 5.05 -3.10
C ALA A 3 -1.56 4.26 -4.30
N ARG A 4 -0.80 3.26 -4.70
CA ARG A 4 -1.10 2.44 -5.84
C ARG A 4 -1.83 1.18 -5.42
N GLY A 5 -2.29 0.43 -6.42
CA GLY A 5 -2.92 -0.83 -6.16
C GLY A 5 -1.97 -1.81 -5.51
N CYS A 6 -2.23 -2.16 -4.26
CA CYS A 6 -1.34 -2.99 -3.51
C CYS A 6 -1.89 -4.40 -3.35
N GLY A 7 -1.00 -5.37 -3.31
CA GLY A 7 -1.40 -6.73 -3.03
C GLY A 7 -0.89 -7.15 -1.67
N GLY A 8 -0.33 -6.18 -0.96
CA GLY A 8 0.23 -6.42 0.34
C GLY A 8 1.17 -5.31 0.74
N ASP A 9 1.79 -5.45 1.91
CA ASP A 9 2.69 -4.44 2.45
C ASP A 9 3.88 -4.22 1.51
N SER A 10 4.20 -5.25 0.74
CA SER A 10 5.33 -5.23 -0.17
C SER A 10 5.16 -4.18 -1.26
N ASP A 11 3.90 -3.86 -1.58
CA ASP A 11 3.62 -2.90 -2.65
C ASP A 11 3.69 -1.48 -2.12
N CYS A 12 3.82 -1.35 -0.81
CA CYS A 12 3.90 -0.05 -0.19
C CYS A 12 5.36 0.25 0.19
N PRO A 13 6.07 1.01 -0.66
CA PRO A 13 7.49 1.30 -0.46
C PRO A 13 7.72 2.48 0.48
N CYS A 14 6.65 3.14 0.88
CA CYS A 14 6.75 4.31 1.72
C CYS A 14 6.62 3.92 3.20
N PRO A 15 7.57 4.36 4.03
CA PRO A 15 7.56 4.09 5.47
C PRO A 15 6.31 4.64 6.14
N GLY A 16 5.58 3.77 6.82
CA GLY A 16 4.40 4.17 7.55
C GLY A 16 3.13 3.84 6.79
N TRP A 17 3.29 3.37 5.56
CA TRP A 17 2.15 3.02 4.72
C TRP A 17 1.83 1.55 4.85
N HIS A 18 0.58 1.20 4.60
CA HIS A 18 0.11 -0.17 4.70
C HIS A 18 -0.84 -0.48 3.57
N CYS A 19 -1.04 -1.76 3.32
CA CYS A 19 -2.05 -2.20 2.36
C CYS A 19 -3.26 -2.75 3.12
N PRO A 20 -4.35 -1.98 3.19
CA PRO A 20 -5.53 -2.35 3.97
C PRO A 20 -6.24 -3.58 3.42
N SER A 21 -6.17 -3.77 2.11
CA SER A 21 -6.83 -4.88 1.45
C SER A 21 -6.13 -5.18 0.14
N PRO A 22 -5.74 -6.44 -0.09
CA PRO A 22 -5.13 -6.87 -1.37
C PRO A 22 -6.01 -6.51 -2.56
N GLY A 23 -5.56 -5.51 -3.33
CA GLY A 23 -6.36 -4.99 -4.42
C GLY A 23 -6.67 -3.53 -4.24
N GLY A 24 -6.48 -3.04 -3.02
CA GLY A 24 -6.76 -1.65 -2.71
C GLY A 24 -5.53 -0.78 -2.91
N ARG A 25 -5.50 0.35 -2.24
CA ARG A 25 -4.39 1.29 -2.37
C ARG A 25 -3.48 1.20 -1.16
N CYS A 26 -2.22 1.56 -1.35
CA CYS A 26 -1.32 1.77 -0.22
C CYS A 26 -1.70 3.07 0.47
N GLU A 27 -1.93 3.01 1.76
CA GLU A 27 -2.35 4.17 2.52
C GLU A 27 -1.69 4.20 3.89
N PRO A 28 -1.36 5.40 4.40
CA PRO A 28 -0.78 5.57 5.72
C PRO A 28 -1.84 5.79 6.79
N SER A 1 1.23 10.26 -2.14
CA SER A 1 2.62 9.80 -2.32
C SER A 1 2.66 8.48 -3.11
N CYS A 2 2.08 7.42 -2.56
CA CYS A 2 2.15 6.11 -3.18
C CYS A 2 0.89 5.31 -2.94
N ALA A 3 -0.26 5.97 -3.05
CA ALA A 3 -1.54 5.31 -2.86
C ALA A 3 -1.97 4.58 -4.13
N ARG A 4 -1.14 3.64 -4.54
CA ARG A 4 -1.41 2.86 -5.73
C ARG A 4 -2.14 1.57 -5.36
N GLY A 5 -2.60 0.85 -6.37
CA GLY A 5 -3.26 -0.41 -6.14
C GLY A 5 -2.30 -1.46 -5.61
N CYS A 6 -2.44 -1.81 -4.34
CA CYS A 6 -1.53 -2.71 -3.68
C CYS A 6 -2.17 -4.09 -3.48
N GLY A 7 -1.31 -5.09 -3.35
CA GLY A 7 -1.77 -6.43 -3.03
C GLY A 7 -1.12 -6.89 -1.74
N GLY A 8 -0.51 -5.95 -1.05
CA GLY A 8 0.18 -6.23 0.19
C GLY A 8 1.11 -5.10 0.56
N ASP A 9 1.81 -5.27 1.67
CA ASP A 9 2.71 -4.25 2.19
C ASP A 9 3.83 -3.92 1.21
N SER A 10 4.26 -4.94 0.45
CA SER A 10 5.41 -4.79 -0.43
C SER A 10 5.09 -3.90 -1.62
N ASP A 11 3.80 -3.68 -1.88
CA ASP A 11 3.39 -2.81 -2.97
C ASP A 11 3.43 -1.36 -2.53
N CYS A 12 3.60 -1.17 -1.24
CA CYS A 12 3.72 0.15 -0.65
C CYS A 12 5.16 0.41 -0.26
N PRO A 13 5.93 1.09 -1.13
CA PRO A 13 7.37 1.31 -0.92
C PRO A 13 7.66 2.45 0.04
N CYS A 14 6.60 3.02 0.59
CA CYS A 14 6.74 4.14 1.52
C CYS A 14 6.72 3.64 2.96
N PRO A 15 7.78 3.93 3.73
CA PRO A 15 7.86 3.53 5.13
C PRO A 15 6.73 4.13 5.97
N GLY A 16 6.00 3.25 6.64
CA GLY A 16 4.91 3.69 7.49
C GLY A 16 3.55 3.44 6.85
N TRP A 17 3.55 3.16 5.55
CA TRP A 17 2.31 2.92 4.83
C TRP A 17 1.90 1.46 4.93
N HIS A 18 0.60 1.21 4.82
CA HIS A 18 0.08 -0.15 4.86
C HIS A 18 -0.91 -0.36 3.71
N CYS A 19 -1.13 -1.61 3.37
CA CYS A 19 -2.09 -1.97 2.35
C CYS A 19 -3.35 -2.53 2.99
N PRO A 20 -4.42 -1.73 3.07
CA PRO A 20 -5.71 -2.17 3.61
C PRO A 20 -6.35 -3.26 2.74
N SER A 21 -6.09 -4.52 3.11
CA SER A 21 -6.56 -5.68 2.35
C SER A 21 -5.80 -5.79 1.03
N PRO A 22 -5.44 -7.02 0.62
CA PRO A 22 -4.67 -7.28 -0.60
C PRO A 22 -5.46 -7.03 -1.89
N GLY A 23 -6.05 -5.85 -1.98
CA GLY A 23 -6.80 -5.47 -3.16
C GLY A 23 -7.27 -4.03 -3.12
N GLY A 24 -6.51 -3.19 -2.43
CA GLY A 24 -6.87 -1.79 -2.29
C GLY A 24 -5.71 -0.89 -2.62
N ARG A 25 -5.76 0.36 -2.16
CA ARG A 25 -4.65 1.29 -2.36
C ARG A 25 -3.85 1.46 -1.07
N CYS A 26 -2.58 1.84 -1.21
CA CYS A 26 -1.72 2.06 -0.06
C CYS A 26 -2.18 3.27 0.75
N GLU A 27 -2.23 3.10 2.06
CA GLU A 27 -2.65 4.17 2.96
C GLU A 27 -1.75 4.21 4.19
N PRO A 28 -1.38 5.41 4.67
CA PRO A 28 -0.59 5.57 5.89
C PRO A 28 -1.45 5.32 7.13
N SER A 1 2.98 9.42 -5.26
CA SER A 1 1.90 9.46 -4.26
C SER A 1 2.01 8.28 -3.29
N CYS A 2 2.53 7.16 -3.81
CA CYS A 2 2.75 5.94 -3.03
C CYS A 2 1.45 5.17 -2.82
N ALA A 3 0.33 5.86 -2.97
CA ALA A 3 -0.99 5.25 -2.87
C ALA A 3 -1.35 4.54 -4.17
N ARG A 4 -0.61 3.49 -4.48
CA ARG A 4 -0.83 2.73 -5.70
C ARG A 4 -1.66 1.49 -5.40
N GLY A 5 -2.02 0.77 -6.46
CA GLY A 5 -2.73 -0.47 -6.32
C GLY A 5 -1.88 -1.52 -5.65
N CYS A 6 -2.18 -1.79 -4.38
CA CYS A 6 -1.35 -2.67 -3.59
C CYS A 6 -2.03 -4.01 -3.36
N GLY A 7 -1.22 -5.04 -3.15
CA GLY A 7 -1.72 -6.34 -2.76
C GLY A 7 -1.16 -6.74 -1.43
N GLY A 8 -0.38 -5.83 -0.84
CA GLY A 8 0.25 -6.09 0.43
C GLY A 8 1.27 -5.01 0.75
N ASP A 9 1.93 -5.16 1.90
CA ASP A 9 2.95 -4.22 2.35
C ASP A 9 4.09 -4.10 1.33
N SER A 10 4.27 -5.17 0.55
CA SER A 10 5.34 -5.22 -0.44
C SER A 10 5.12 -4.20 -1.55
N ASP A 11 3.88 -3.72 -1.69
CA ASP A 11 3.57 -2.74 -2.71
C ASP A 11 3.67 -1.34 -2.15
N CYS A 12 3.92 -1.26 -0.85
CA CYS A 12 4.08 0.02 -0.17
C CYS A 12 5.54 0.22 0.24
N PRO A 13 6.34 0.87 -0.62
CA PRO A 13 7.76 1.08 -0.36
C PRO A 13 8.01 2.21 0.65
N CYS A 14 6.94 2.92 0.99
CA CYS A 14 7.05 4.05 1.90
C CYS A 14 6.86 3.58 3.34
N PRO A 15 7.81 3.93 4.22
CA PRO A 15 7.74 3.57 5.63
C PRO A 15 6.59 4.29 6.34
N GLY A 16 5.65 3.52 6.81
CA GLY A 16 4.48 4.08 7.46
C GLY A 16 3.22 3.76 6.71
N TRP A 17 3.38 3.34 5.47
CA TRP A 17 2.25 2.99 4.62
C TRP A 17 1.90 1.52 4.74
N HIS A 18 0.63 1.21 4.56
CA HIS A 18 0.15 -0.15 4.68
C HIS A 18 -0.90 -0.44 3.62
N CYS A 19 -1.10 -1.71 3.32
CA CYS A 19 -2.13 -2.11 2.39
C CYS A 19 -3.26 -2.79 3.14
N PRO A 20 -4.42 -2.13 3.23
CA PRO A 20 -5.58 -2.64 4.00
C PRO A 20 -6.12 -3.96 3.46
N SER A 21 -6.27 -4.04 2.14
CA SER A 21 -6.81 -5.22 1.51
C SER A 21 -5.99 -5.57 0.27
N PRO A 22 -5.74 -6.88 0.01
CA PRO A 22 -4.97 -7.34 -1.15
C PRO A 22 -5.69 -7.08 -2.47
N GLY A 23 -5.80 -5.81 -2.83
CA GLY A 23 -6.47 -5.43 -4.06
C GLY A 23 -7.06 -4.05 -3.96
N GLY A 24 -6.32 -3.14 -3.37
CA GLY A 24 -6.80 -1.78 -3.18
C GLY A 24 -5.68 -0.79 -3.28
N ARG A 25 -5.82 0.35 -2.62
CA ARG A 25 -4.78 1.37 -2.64
C ARG A 25 -3.99 1.34 -1.35
N CYS A 26 -2.74 1.79 -1.41
CA CYS A 26 -1.90 1.87 -0.24
C CYS A 26 -2.25 3.13 0.56
N GLU A 27 -2.26 3.00 1.88
CA GLU A 27 -2.62 4.12 2.75
C GLU A 27 -1.65 4.19 3.93
N PRO A 28 -1.34 5.41 4.39
CA PRO A 28 -0.46 5.62 5.54
C PRO A 28 -1.17 5.33 6.86
N SER A 1 2.03 10.31 -3.62
CA SER A 1 1.87 9.40 -4.77
C SER A 1 2.20 7.96 -4.38
N CYS A 2 2.00 7.63 -3.10
CA CYS A 2 2.35 6.31 -2.60
C CYS A 2 1.10 5.45 -2.46
N ALA A 3 -0.07 6.06 -2.66
CA ALA A 3 -1.34 5.36 -2.54
C ALA A 3 -1.66 4.61 -3.82
N ARG A 4 -0.78 3.69 -4.18
CA ARG A 4 -0.93 2.90 -5.37
C ARG A 4 -1.70 1.62 -5.06
N GLY A 5 -2.19 0.97 -6.11
CA GLY A 5 -2.87 -0.29 -5.94
C GLY A 5 -1.93 -1.34 -5.39
N CYS A 6 -2.20 -1.78 -4.17
CA CYS A 6 -1.30 -2.69 -3.48
C CYS A 6 -1.90 -4.08 -3.39
N GLY A 7 -1.03 -5.07 -3.35
CA GLY A 7 -1.45 -6.43 -3.11
C GLY A 7 -0.94 -6.89 -1.77
N GLY A 8 -0.13 -6.05 -1.15
CA GLY A 8 0.42 -6.33 0.15
C GLY A 8 1.35 -5.23 0.60
N ASP A 9 2.01 -5.43 1.73
CA ASP A 9 2.91 -4.43 2.30
C ASP A 9 4.08 -4.16 1.37
N SER A 10 4.40 -5.15 0.55
CA SER A 10 5.52 -5.07 -0.37
C SER A 10 5.30 -3.96 -1.41
N ASP A 11 4.04 -3.63 -1.67
CA ASP A 11 3.71 -2.61 -2.65
C ASP A 11 3.75 -1.22 -2.03
N CYS A 12 3.96 -1.19 -0.73
CA CYS A 12 4.09 0.07 -0.01
C CYS A 12 5.55 0.30 0.37
N PRO A 13 6.30 1.02 -0.48
CA PRO A 13 7.72 1.26 -0.26
C PRO A 13 7.96 2.39 0.73
N CYS A 14 6.90 3.12 1.04
CA CYS A 14 6.99 4.26 1.95
C CYS A 14 6.88 3.79 3.39
N PRO A 15 7.92 4.03 4.20
CA PRO A 15 7.89 3.72 5.63
C PRO A 15 6.78 4.45 6.34
N GLY A 16 5.85 3.68 6.88
CA GLY A 16 4.71 4.25 7.56
C GLY A 16 3.42 3.96 6.83
N TRP A 17 3.54 3.34 5.67
CA TRP A 17 2.38 2.97 4.86
C TRP A 17 2.10 1.48 4.97
N HIS A 18 0.86 1.11 4.74
CA HIS A 18 0.43 -0.28 4.84
C HIS A 18 -0.63 -0.56 3.77
N CYS A 19 -0.80 -1.82 3.41
CA CYS A 19 -1.82 -2.20 2.46
C CYS A 19 -3.04 -2.73 3.20
N PRO A 20 -4.14 -1.96 3.20
CA PRO A 20 -5.37 -2.32 3.93
C PRO A 20 -6.14 -3.46 3.26
N SER A 21 -5.87 -3.67 1.99
CA SER A 21 -6.57 -4.68 1.22
C SER A 21 -5.82 -4.95 -0.08
N PRO A 22 -5.65 -6.23 -0.44
CA PRO A 22 -4.89 -6.62 -1.64
C PRO A 22 -5.57 -6.22 -2.95
N GLY A 23 -6.73 -5.58 -2.83
CA GLY A 23 -7.42 -5.06 -3.99
C GLY A 23 -7.65 -3.58 -3.89
N GLY A 24 -6.89 -2.93 -3.02
CA GLY A 24 -7.07 -1.51 -2.79
C GLY A 24 -5.78 -0.74 -2.96
N ARG A 25 -5.77 0.50 -2.48
CA ARG A 25 -4.59 1.34 -2.56
C ARG A 25 -3.88 1.39 -1.21
N CYS A 26 -2.62 1.79 -1.24
CA CYS A 26 -1.82 1.86 -0.02
C CYS A 26 -2.28 3.02 0.84
N GLU A 27 -2.22 2.82 2.16
CA GLU A 27 -2.68 3.80 3.13
C GLU A 27 -1.68 3.95 4.26
N PRO A 28 -1.43 5.17 4.74
CA PRO A 28 -0.55 5.42 5.88
C PRO A 28 -1.17 4.97 7.21
N SER A 1 3.41 9.99 -5.71
CA SER A 1 4.26 8.78 -5.86
C SER A 1 3.95 7.75 -4.77
N CYS A 2 2.68 7.62 -4.40
CA CYS A 2 2.29 6.68 -3.38
C CYS A 2 0.78 6.46 -3.42
N ALA A 3 0.27 5.68 -2.47
CA ALA A 3 -1.15 5.36 -2.38
C ALA A 3 -1.65 4.75 -3.69
N ARG A 4 -1.00 3.68 -4.13
CA ARG A 4 -1.39 3.02 -5.35
C ARG A 4 -1.76 1.58 -5.08
N GLY A 5 -2.01 0.83 -6.14
CA GLY A 5 -2.41 -0.55 -6.02
C GLY A 5 -1.43 -1.39 -5.22
N CYS A 6 -1.92 -2.06 -4.20
CA CYS A 6 -1.09 -2.93 -3.39
C CYS A 6 -1.74 -4.31 -3.23
N GLY A 7 -0.90 -5.31 -3.01
CA GLY A 7 -1.37 -6.62 -2.65
C GLY A 7 -0.83 -7.01 -1.30
N GLY A 8 -0.25 -6.02 -0.63
CA GLY A 8 0.36 -6.22 0.65
C GLY A 8 1.29 -5.07 0.97
N ASP A 9 1.88 -5.09 2.15
CA ASP A 9 2.80 -4.03 2.58
C ASP A 9 4.01 -3.98 1.66
N SER A 10 4.32 -5.11 1.04
CA SER A 10 5.46 -5.24 0.15
C SER A 10 5.29 -4.36 -1.09
N ASP A 11 4.03 -4.09 -1.46
CA ASP A 11 3.76 -3.26 -2.63
C ASP A 11 3.85 -1.79 -2.27
N CYS A 12 3.70 -1.49 -0.99
CA CYS A 12 3.77 -0.12 -0.51
C CYS A 12 5.21 0.23 -0.13
N PRO A 13 5.91 1.01 -0.97
CA PRO A 13 7.30 1.36 -0.73
C PRO A 13 7.44 2.50 0.26
N CYS A 14 6.34 3.15 0.56
CA CYS A 14 6.33 4.29 1.46
C CYS A 14 6.39 3.81 2.91
N PRO A 15 7.47 4.17 3.63
CA PRO A 15 7.67 3.73 5.01
C PRO A 15 6.61 4.27 5.96
N GLY A 16 5.88 3.34 6.56
CA GLY A 16 4.86 3.71 7.52
C GLY A 16 3.47 3.44 7.00
N TRP A 17 3.37 3.07 5.74
CA TRP A 17 2.10 2.79 5.12
C TRP A 17 1.70 1.33 5.31
N HIS A 18 0.45 1.03 4.98
CA HIS A 18 -0.07 -0.32 5.06
C HIS A 18 -0.98 -0.59 3.88
N CYS A 19 -1.17 -1.85 3.55
CA CYS A 19 -2.12 -2.23 2.53
C CYS A 19 -3.37 -2.79 3.20
N PRO A 20 -4.51 -2.09 3.07
CA PRO A 20 -5.76 -2.45 3.76
C PRO A 20 -6.29 -3.82 3.34
N SER A 21 -5.98 -4.21 2.12
CA SER A 21 -6.42 -5.50 1.59
C SER A 21 -5.66 -5.80 0.31
N PRO A 22 -5.43 -7.10 0.01
CA PRO A 22 -4.77 -7.53 -1.24
C PRO A 22 -5.61 -7.21 -2.48
N GLY A 23 -5.84 -5.92 -2.69
CA GLY A 23 -6.63 -5.47 -3.82
C GLY A 23 -7.16 -4.07 -3.58
N GLY A 24 -6.25 -3.14 -3.30
CA GLY A 24 -6.62 -1.78 -3.04
C GLY A 24 -5.43 -0.85 -3.09
N ARG A 25 -5.59 0.35 -2.55
CA ARG A 25 -4.51 1.33 -2.52
C ARG A 25 -3.89 1.40 -1.14
N CYS A 26 -2.61 1.71 -1.08
CA CYS A 26 -1.89 1.83 0.18
C CYS A 26 -2.47 2.97 1.02
N GLU A 27 -2.44 2.80 2.34
CA GLU A 27 -2.90 3.83 3.27
C GLU A 27 -1.81 4.07 4.32
N PRO A 28 -1.64 5.31 4.78
CA PRO A 28 -0.67 5.62 5.83
C PRO A 28 -1.21 5.27 7.21
N SER A 1 2.79 6.48 -7.19
CA SER A 1 3.97 6.91 -6.42
C SER A 1 4.07 6.18 -5.08
N CYS A 2 2.98 6.14 -4.32
CA CYS A 2 2.98 5.44 -3.03
C CYS A 2 1.60 4.88 -2.71
N ALA A 3 0.57 5.71 -2.85
CA ALA A 3 -0.79 5.30 -2.56
C ALA A 3 -1.48 4.74 -3.79
N ARG A 4 -0.94 3.66 -4.33
CA ARG A 4 -1.53 3.02 -5.49
C ARG A 4 -1.99 1.61 -5.16
N GLY A 5 -2.41 0.88 -6.18
CA GLY A 5 -2.86 -0.49 -6.00
C GLY A 5 -1.81 -1.36 -5.36
N CYS A 6 -2.08 -1.84 -4.17
CA CYS A 6 -1.15 -2.68 -3.45
C CYS A 6 -1.66 -4.12 -3.36
N GLY A 7 -0.74 -5.05 -3.27
CA GLY A 7 -1.08 -6.44 -3.06
C GLY A 7 -0.57 -6.89 -1.70
N GLY A 8 -0.01 -5.94 -0.98
CA GLY A 8 0.53 -6.20 0.32
C GLY A 8 1.43 -5.07 0.78
N ASP A 9 2.05 -5.26 1.93
CA ASP A 9 2.89 -4.23 2.53
C ASP A 9 4.09 -3.89 1.63
N SER A 10 4.53 -4.87 0.86
CA SER A 10 5.73 -4.71 0.04
C SER A 10 5.46 -3.84 -1.19
N ASP A 11 4.20 -3.49 -1.40
CA ASP A 11 3.84 -2.60 -2.50
C ASP A 11 3.85 -1.16 -2.02
N CYS A 12 3.97 -0.98 -0.73
CA CYS A 12 4.04 0.34 -0.14
C CYS A 12 5.49 0.77 0.04
N PRO A 13 5.97 1.72 -0.79
CA PRO A 13 7.36 2.17 -0.75
C PRO A 13 7.63 3.11 0.41
N CYS A 14 6.57 3.57 1.04
CA CYS A 14 6.68 4.51 2.14
C CYS A 14 6.58 3.77 3.47
N PRO A 15 7.65 3.81 4.28
CA PRO A 15 7.65 3.23 5.63
C PRO A 15 6.57 3.85 6.51
N GLY A 16 5.83 3.00 7.20
CA GLY A 16 4.76 3.46 8.05
C GLY A 16 3.40 3.18 7.43
N TRP A 17 3.37 3.14 6.12
CA TRP A 17 2.14 2.91 5.37
C TRP A 17 1.71 1.45 5.48
N HIS A 18 0.48 1.18 5.11
CA HIS A 18 -0.07 -0.16 5.19
C HIS A 18 -0.98 -0.44 4.00
N CYS A 19 -1.04 -1.68 3.59
CA CYS A 19 -1.94 -2.09 2.52
C CYS A 19 -3.21 -2.69 3.13
N PRO A 20 -4.34 -1.96 3.05
CA PRO A 20 -5.60 -2.38 3.67
C PRO A 20 -6.16 -3.66 3.05
N SER A 21 -5.89 -3.85 1.77
CA SER A 21 -6.39 -5.00 1.05
C SER A 21 -5.55 -5.22 -0.20
N PRO A 22 -5.27 -6.49 -0.56
CA PRO A 22 -4.47 -6.82 -1.74
C PRO A 22 -5.20 -6.54 -3.05
N GLY A 23 -6.20 -5.68 -2.98
CA GLY A 23 -6.91 -5.25 -4.15
C GLY A 23 -7.34 -3.81 -4.03
N GLY A 24 -6.59 -3.04 -3.26
CA GLY A 24 -6.92 -1.65 -3.04
C GLY A 24 -5.67 -0.78 -3.08
N ARG A 25 -5.77 0.42 -2.56
CA ARG A 25 -4.64 1.35 -2.56
C ARG A 25 -3.98 1.41 -1.20
N CYS A 26 -2.69 1.68 -1.19
CA CYS A 26 -1.93 1.78 0.05
C CYS A 26 -2.36 3.02 0.84
N GLU A 27 -2.33 2.91 2.16
CA GLU A 27 -2.77 3.99 3.03
C GLU A 27 -1.80 4.18 4.20
N PRO A 28 -1.60 5.42 4.64
CA PRO A 28 -0.73 5.72 5.79
C PRO A 28 -1.35 5.23 7.10
N SER A 1 1.28 9.89 -4.92
CA SER A 1 2.11 9.03 -5.81
C SER A 1 2.49 7.72 -5.12
N CYS A 2 2.13 7.56 -3.85
CA CYS A 2 2.47 6.34 -3.12
C CYS A 2 1.24 5.45 -2.96
N ALA A 3 0.06 6.05 -3.15
CA ALA A 3 -1.19 5.30 -3.05
C ALA A 3 -1.44 4.49 -4.31
N ARG A 4 -0.56 3.54 -4.56
CA ARG A 4 -0.62 2.70 -5.73
C ARG A 4 -1.44 1.45 -5.45
N GLY A 5 -1.59 0.62 -6.47
CA GLY A 5 -2.29 -0.63 -6.33
C GLY A 5 -1.47 -1.63 -5.54
N CYS A 6 -1.89 -1.92 -4.33
CA CYS A 6 -1.14 -2.80 -3.47
C CYS A 6 -1.82 -4.15 -3.31
N GLY A 7 -1.03 -5.18 -3.09
CA GLY A 7 -1.54 -6.47 -2.72
C GLY A 7 -1.04 -6.85 -1.34
N GLY A 8 -0.22 -5.97 -0.79
CA GLY A 8 0.33 -6.17 0.52
C GLY A 8 1.19 -5.00 0.93
N ASP A 9 1.76 -5.09 2.12
CA ASP A 9 2.59 -4.02 2.68
C ASP A 9 3.78 -3.74 1.79
N SER A 10 4.33 -4.79 1.20
CA SER A 10 5.57 -4.68 0.44
C SER A 10 5.32 -4.06 -0.94
N ASP A 11 4.06 -3.86 -1.28
CA ASP A 11 3.72 -3.16 -2.52
C ASP A 11 3.88 -1.67 -2.33
N CYS A 12 3.80 -1.26 -1.08
CA CYS A 12 3.91 0.14 -0.73
C CYS A 12 5.37 0.48 -0.40
N PRO A 13 6.02 1.27 -1.28
CA PRO A 13 7.44 1.58 -1.16
C PRO A 13 7.74 2.63 -0.09
N CYS A 14 6.69 3.17 0.51
CA CYS A 14 6.84 4.18 1.53
C CYS A 14 6.79 3.54 2.92
N PRO A 15 7.84 3.74 3.73
CA PRO A 15 7.91 3.17 5.08
C PRO A 15 6.82 3.72 5.99
N GLY A 16 5.95 2.84 6.42
CA GLY A 16 4.89 3.23 7.32
C GLY A 16 3.52 3.02 6.72
N TRP A 17 3.48 2.91 5.39
CA TRP A 17 2.23 2.69 4.68
C TRP A 17 1.80 1.25 4.79
N HIS A 18 0.51 1.02 4.63
CA HIS A 18 -0.07 -0.31 4.76
C HIS A 18 -1.03 -0.56 3.62
N CYS A 19 -1.28 -1.83 3.32
CA CYS A 19 -2.27 -2.19 2.31
C CYS A 19 -3.53 -2.68 3.00
N PRO A 20 -4.60 -1.87 2.98
CA PRO A 20 -5.86 -2.18 3.68
C PRO A 20 -6.58 -3.39 3.08
N SER A 21 -6.39 -3.63 1.80
CA SER A 21 -7.04 -4.72 1.11
C SER A 21 -6.16 -5.26 -0.01
N PRO A 22 -5.98 -6.60 -0.09
CA PRO A 22 -5.18 -7.23 -1.13
C PRO A 22 -5.77 -6.96 -2.51
N GLY A 23 -5.19 -5.98 -3.19
CA GLY A 23 -5.73 -5.54 -4.46
C GLY A 23 -6.42 -4.20 -4.33
N GLY A 24 -5.83 -3.31 -3.54
CA GLY A 24 -6.40 -2.01 -3.31
C GLY A 24 -5.35 -0.92 -3.43
N ARG A 25 -5.53 0.17 -2.68
CA ARG A 25 -4.58 1.27 -2.70
C ARG A 25 -3.73 1.26 -1.43
N CYS A 26 -2.51 1.75 -1.54
CA CYS A 26 -1.66 1.94 -0.37
C CYS A 26 -2.15 3.12 0.46
N GLU A 27 -2.20 2.93 1.76
CA GLU A 27 -2.62 3.99 2.68
C GLU A 27 -1.65 4.08 3.84
N PRO A 28 -1.36 5.29 4.34
CA PRO A 28 -0.44 5.49 5.46
C PRO A 28 -0.96 4.84 6.74
N SER A 1 0.09 10.56 -3.12
CA SER A 1 1.13 10.27 -4.13
C SER A 1 1.77 8.91 -3.92
N CYS A 2 1.34 8.18 -2.90
CA CYS A 2 1.93 6.87 -2.62
C CYS A 2 0.84 5.80 -2.50
N ALA A 3 -0.40 6.21 -2.74
CA ALA A 3 -1.52 5.27 -2.71
C ALA A 3 -1.52 4.42 -3.95
N ARG A 4 -0.71 3.38 -3.94
CA ARG A 4 -0.62 2.46 -5.07
C ARG A 4 -1.50 1.26 -4.84
N GLY A 5 -1.94 0.64 -5.93
CA GLY A 5 -2.68 -0.60 -5.84
C GLY A 5 -1.84 -1.69 -5.22
N CYS A 6 -2.19 -2.13 -4.04
CA CYS A 6 -1.35 -3.04 -3.29
C CYS A 6 -2.01 -4.38 -3.09
N GLY A 7 -1.18 -5.41 -3.01
CA GLY A 7 -1.63 -6.72 -2.62
C GLY A 7 -1.14 -7.04 -1.23
N GLY A 8 -0.06 -6.36 -0.85
CA GLY A 8 0.49 -6.48 0.47
C GLY A 8 1.38 -5.29 0.80
N ASP A 9 2.07 -5.38 1.92
CA ASP A 9 2.95 -4.31 2.39
C ASP A 9 4.10 -4.10 1.43
N SER A 10 4.46 -5.16 0.72
CA SER A 10 5.58 -5.14 -0.21
C SER A 10 5.31 -4.18 -1.37
N ASP A 11 4.04 -3.94 -1.66
CA ASP A 11 3.66 -3.06 -2.76
C ASP A 11 3.84 -1.60 -2.38
N CYS A 12 3.75 -1.33 -1.08
CA CYS A 12 3.88 0.02 -0.57
C CYS A 12 5.35 0.44 -0.54
N PRO A 13 5.76 1.35 -1.43
CA PRO A 13 7.16 1.78 -1.55
C PRO A 13 7.55 2.78 -0.45
N CYS A 14 6.55 3.31 0.23
CA CYS A 14 6.78 4.27 1.30
C CYS A 14 6.85 3.55 2.64
N PRO A 15 7.93 3.75 3.39
CA PRO A 15 8.11 3.12 4.70
C PRO A 15 7.13 3.66 5.74
N GLY A 16 6.31 2.76 6.25
CA GLY A 16 5.32 3.13 7.23
C GLY A 16 3.92 2.84 6.74
N TRP A 17 3.75 2.89 5.43
CA TRP A 17 2.47 2.65 4.79
C TRP A 17 2.04 1.20 4.94
N HIS A 18 0.75 0.96 4.82
CA HIS A 18 0.20 -0.37 5.01
C HIS A 18 -0.85 -0.66 3.95
N CYS A 19 -1.02 -1.92 3.59
CA CYS A 19 -2.03 -2.30 2.63
C CYS A 19 -3.28 -2.83 3.35
N PRO A 20 -4.32 -1.99 3.46
CA PRO A 20 -5.53 -2.34 4.21
C PRO A 20 -6.42 -3.34 3.46
N SER A 21 -6.14 -3.54 2.19
CA SER A 21 -6.96 -4.41 1.36
C SER A 21 -6.17 -4.91 0.16
N PRO A 22 -5.96 -6.23 0.04
CA PRO A 22 -5.26 -6.82 -1.10
C PRO A 22 -6.06 -6.64 -2.39
N GLY A 23 -5.65 -5.68 -3.21
CA GLY A 23 -6.40 -5.32 -4.39
C GLY A 23 -6.87 -3.88 -4.34
N GLY A 24 -6.63 -3.23 -3.22
CA GLY A 24 -6.99 -1.84 -3.07
C GLY A 24 -5.77 -0.96 -3.15
N ARG A 25 -5.86 0.24 -2.60
CA ARG A 25 -4.71 1.15 -2.58
C ARG A 25 -4.07 1.18 -1.20
N CYS A 26 -2.77 1.48 -1.18
CA CYS A 26 -2.02 1.54 0.05
C CYS A 26 -2.36 2.81 0.82
N GLU A 27 -2.35 2.71 2.14
CA GLU A 27 -2.71 3.81 3.02
C GLU A 27 -1.66 3.97 4.11
N PRO A 28 -1.39 5.22 4.57
CA PRO A 28 -0.43 5.46 5.63
C PRO A 28 -0.93 4.97 6.99
N SER A 1 1.04 10.33 -1.47
CA SER A 1 1.74 10.17 -2.76
C SER A 1 2.17 8.72 -2.98
N CYS A 2 1.66 7.80 -2.16
CA CYS A 2 2.05 6.39 -2.28
C CYS A 2 0.82 5.48 -2.27
N ALA A 3 -0.33 6.05 -2.59
CA ALA A 3 -1.58 5.29 -2.57
C ALA A 3 -1.78 4.55 -3.89
N ARG A 4 -0.91 3.59 -4.14
CA ARG A 4 -0.97 2.78 -5.34
C ARG A 4 -1.77 1.53 -5.07
N GLY A 5 -2.18 0.86 -6.14
CA GLY A 5 -2.92 -0.39 -6.02
C GLY A 5 -2.06 -1.45 -5.39
N CYS A 6 -2.36 -1.81 -4.15
CA CYS A 6 -1.51 -2.72 -3.41
C CYS A 6 -2.17 -4.09 -3.28
N GLY A 7 -1.34 -5.11 -3.18
CA GLY A 7 -1.82 -6.43 -2.85
C GLY A 7 -1.19 -6.91 -1.58
N GLY A 8 -0.30 -6.08 -1.05
CA GLY A 8 0.39 -6.39 0.18
C GLY A 8 1.36 -5.28 0.56
N ASP A 9 2.07 -5.47 1.66
CA ASP A 9 3.02 -4.49 2.16
C ASP A 9 4.10 -4.19 1.13
N SER A 10 4.43 -5.20 0.32
CA SER A 10 5.49 -5.08 -0.67
C SER A 10 5.15 -4.05 -1.74
N ASP A 11 3.86 -3.75 -1.89
CA ASP A 11 3.41 -2.77 -2.87
C ASP A 11 3.47 -1.38 -2.28
N CYS A 12 3.80 -1.31 -1.00
CA CYS A 12 3.96 -0.05 -0.32
C CYS A 12 5.43 0.17 0.03
N PRO A 13 6.21 0.77 -0.88
CA PRO A 13 7.63 1.00 -0.68
C PRO A 13 7.90 2.20 0.21
N CYS A 14 6.85 2.96 0.48
CA CYS A 14 6.95 4.14 1.32
C CYS A 14 6.83 3.75 2.79
N PRO A 15 7.83 4.10 3.61
CA PRO A 15 7.85 3.75 5.02
C PRO A 15 6.72 4.41 5.79
N GLY A 16 5.97 3.59 6.51
CA GLY A 16 4.85 4.08 7.27
C GLY A 16 3.53 3.73 6.63
N TRP A 17 3.59 3.29 5.38
CA TRP A 17 2.41 2.91 4.64
C TRP A 17 2.10 1.42 4.80
N HIS A 18 0.83 1.08 4.63
CA HIS A 18 0.38 -0.29 4.78
C HIS A 18 -0.70 -0.60 3.74
N CYS A 19 -0.86 -1.86 3.40
CA CYS A 19 -1.92 -2.26 2.48
C CYS A 19 -3.12 -2.77 3.26
N PRO A 20 -4.18 -1.95 3.39
CA PRO A 20 -5.35 -2.28 4.22
C PRO A 20 -6.17 -3.43 3.64
N SER A 21 -6.19 -3.51 2.33
CA SER A 21 -6.95 -4.54 1.64
C SER A 21 -6.23 -4.94 0.35
N PRO A 22 -5.73 -6.19 0.28
CA PRO A 22 -5.08 -6.71 -0.92
C PRO A 22 -5.98 -6.57 -2.16
N GLY A 23 -5.69 -5.55 -2.96
CA GLY A 23 -6.52 -5.26 -4.11
C GLY A 23 -6.89 -3.80 -4.20
N GLY A 24 -6.87 -3.12 -3.07
CA GLY A 24 -7.20 -1.70 -3.04
C GLY A 24 -5.97 -0.83 -3.17
N ARG A 25 -6.03 0.36 -2.58
CA ARG A 25 -4.89 1.26 -2.61
C ARG A 25 -4.16 1.24 -1.27
N CYS A 26 -2.90 1.61 -1.31
CA CYS A 26 -2.09 1.67 -0.10
C CYS A 26 -2.51 2.87 0.73
N GLU A 27 -2.36 2.75 2.04
CA GLU A 27 -2.74 3.81 2.97
C GLU A 27 -1.70 3.93 4.08
N PRO A 28 -1.43 5.15 4.56
CA PRO A 28 -0.48 5.37 5.65
C PRO A 28 -0.98 4.81 6.97
N SER A 1 1.02 10.08 -3.28
CA SER A 1 2.11 9.71 -4.19
C SER A 1 2.24 8.18 -4.30
N CYS A 2 2.04 7.47 -3.19
CA CYS A 2 2.19 6.02 -3.20
C CYS A 2 0.94 5.31 -2.72
N ALA A 3 -0.20 6.00 -2.76
CA ALA A 3 -1.49 5.38 -2.45
C ALA A 3 -2.00 4.66 -3.70
N ARG A 4 -1.21 3.71 -4.16
CA ARG A 4 -1.50 3.00 -5.39
C ARG A 4 -2.10 1.65 -5.10
N GLY A 5 -2.50 0.95 -6.16
CA GLY A 5 -3.10 -0.36 -6.03
C GLY A 5 -2.12 -1.35 -5.43
N CYS A 6 -2.39 -1.78 -4.20
CA CYS A 6 -1.49 -2.66 -3.50
C CYS A 6 -2.10 -4.04 -3.34
N GLY A 7 -1.23 -5.04 -3.25
CA GLY A 7 -1.66 -6.38 -2.94
C GLY A 7 -1.14 -6.79 -1.58
N GLY A 8 -0.23 -5.98 -1.07
CA GLY A 8 0.34 -6.19 0.24
C GLY A 8 1.30 -5.08 0.59
N ASP A 9 2.02 -5.27 1.68
CA ASP A 9 2.95 -4.26 2.19
C ASP A 9 4.05 -3.95 1.17
N SER A 10 4.36 -4.93 0.34
CA SER A 10 5.47 -4.82 -0.62
C SER A 10 5.15 -3.80 -1.70
N ASP A 11 3.88 -3.47 -1.87
CA ASP A 11 3.48 -2.51 -2.90
C ASP A 11 3.56 -1.10 -2.36
N CYS A 12 3.85 -0.97 -1.09
CA CYS A 12 3.99 0.32 -0.45
C CYS A 12 5.47 0.70 -0.31
N PRO A 13 5.97 1.57 -1.19
CA PRO A 13 7.37 2.01 -1.17
C PRO A 13 7.62 3.11 -0.14
N CYS A 14 6.56 3.53 0.53
CA CYS A 14 6.66 4.56 1.55
C CYS A 14 6.66 3.92 2.94
N PRO A 15 7.73 4.14 3.73
CA PRO A 15 7.83 3.63 5.09
C PRO A 15 6.70 4.12 5.98
N GLY A 16 6.05 3.19 6.66
CA GLY A 16 4.95 3.53 7.53
C GLY A 16 3.61 3.21 6.91
N TRP A 17 3.60 3.16 5.58
CA TRP A 17 2.38 2.87 4.84
C TRP A 17 2.05 1.39 4.87
N HIS A 18 0.77 1.09 4.80
CA HIS A 18 0.29 -0.28 4.89
C HIS A 18 -0.74 -0.55 3.81
N CYS A 19 -0.92 -1.82 3.46
CA CYS A 19 -1.93 -2.20 2.49
C CYS A 19 -3.11 -2.86 3.20
N PRO A 20 -4.23 -2.13 3.33
CA PRO A 20 -5.42 -2.63 4.04
C PRO A 20 -6.08 -3.80 3.34
N SER A 21 -6.21 -3.71 2.03
CA SER A 21 -6.87 -4.74 1.24
C SER A 21 -6.04 -5.09 0.03
N PRO A 22 -5.91 -6.39 -0.28
CA PRO A 22 -5.06 -6.87 -1.39
C PRO A 22 -5.57 -6.43 -2.76
N GLY A 23 -6.75 -5.84 -2.78
CA GLY A 23 -7.28 -5.29 -4.02
C GLY A 23 -7.62 -3.81 -3.86
N GLY A 24 -6.92 -3.15 -2.95
CA GLY A 24 -7.16 -1.75 -2.70
C GLY A 24 -5.91 -0.92 -2.84
N ARG A 25 -5.93 0.30 -2.33
CA ARG A 25 -4.78 1.19 -2.41
C ARG A 25 -4.06 1.25 -1.08
N CYS A 26 -2.79 1.67 -1.13
CA CYS A 26 -1.97 1.77 0.07
C CYS A 26 -2.35 3.01 0.87
N GLU A 27 -2.25 2.91 2.19
CA GLU A 27 -2.60 4.00 3.08
C GLU A 27 -1.62 4.07 4.26
N PRO A 28 -1.39 5.27 4.82
CA PRO A 28 -0.46 5.46 5.93
C PRO A 28 -1.05 4.93 7.24
N SER A 1 2.59 11.21 -1.76
CA SER A 1 1.45 10.32 -2.01
C SER A 1 1.92 8.98 -2.59
N CYS A 2 1.68 7.90 -1.85
CA CYS A 2 2.08 6.58 -2.30
C CYS A 2 0.89 5.62 -2.25
N ALA A 3 -0.28 6.13 -2.60
CA ALA A 3 -1.49 5.34 -2.58
C ALA A 3 -1.60 4.49 -3.84
N ARG A 4 -0.67 3.56 -3.97
CA ARG A 4 -0.61 2.71 -5.15
C ARG A 4 -1.55 1.53 -4.98
N GLY A 5 -1.92 0.93 -6.10
CA GLY A 5 -2.75 -0.25 -6.06
C GLY A 5 -2.00 -1.43 -5.50
N CYS A 6 -2.36 -1.86 -4.30
CA CYS A 6 -1.61 -2.90 -3.63
C CYS A 6 -2.36 -4.22 -3.61
N GLY A 7 -1.62 -5.30 -3.77
CA GLY A 7 -2.16 -6.63 -3.62
C GLY A 7 -1.61 -7.27 -2.37
N GLY A 8 -0.84 -6.45 -1.66
CA GLY A 8 -0.24 -6.85 -0.42
C GLY A 8 0.55 -5.70 0.15
N ASP A 9 1.07 -5.86 1.35
CA ASP A 9 1.75 -4.78 2.04
C ASP A 9 3.08 -4.44 1.37
N SER A 10 3.60 -5.40 0.61
CA SER A 10 4.88 -5.24 -0.06
C SER A 10 4.76 -4.31 -1.26
N ASP A 11 3.52 -4.03 -1.67
CA ASP A 11 3.28 -3.14 -2.81
C ASP A 11 3.40 -1.69 -2.40
N CYS A 12 3.52 -1.46 -1.10
CA CYS A 12 3.69 -0.13 -0.58
C CYS A 12 5.17 0.09 -0.24
N PRO A 13 5.93 0.71 -1.16
CA PRO A 13 7.37 0.88 -1.02
C PRO A 13 7.75 2.09 -0.16
N CYS A 14 6.76 2.89 0.21
CA CYS A 14 7.00 4.07 1.02
C CYS A 14 6.88 3.75 2.49
N PRO A 15 7.95 4.03 3.27
CA PRO A 15 7.95 3.77 4.71
C PRO A 15 6.90 4.61 5.44
N GLY A 16 5.97 3.93 6.07
CA GLY A 16 4.87 4.59 6.72
C GLY A 16 3.55 4.21 6.09
N TRP A 17 3.62 3.64 4.90
CA TRP A 17 2.43 3.20 4.18
C TRP A 17 2.21 1.71 4.34
N HIS A 18 0.95 1.31 4.32
CA HIS A 18 0.58 -0.09 4.44
C HIS A 18 -0.60 -0.41 3.55
N CYS A 19 -0.77 -1.67 3.21
CA CYS A 19 -1.88 -2.10 2.38
C CYS A 19 -2.98 -2.66 3.27
N PRO A 20 -4.14 -2.00 3.29
CA PRO A 20 -5.27 -2.39 4.14
C PRO A 20 -5.83 -3.76 3.79
N SER A 21 -5.88 -4.05 2.50
CA SER A 21 -6.41 -5.33 2.04
C SER A 21 -6.03 -5.55 0.58
N PRO A 22 -5.45 -6.73 0.26
CA PRO A 22 -5.05 -7.09 -1.11
C PRO A 22 -6.12 -6.77 -2.15
N GLY A 23 -5.87 -5.74 -2.94
CA GLY A 23 -6.81 -5.31 -3.94
C GLY A 23 -7.10 -3.83 -3.87
N GLY A 24 -6.82 -3.23 -2.71
CA GLY A 24 -7.05 -1.81 -2.53
C GLY A 24 -5.80 -0.99 -2.81
N ARG A 25 -5.80 0.24 -2.34
CA ARG A 25 -4.62 1.09 -2.46
C ARG A 25 -3.91 1.22 -1.13
N CYS A 26 -2.64 1.62 -1.17
CA CYS A 26 -1.86 1.82 0.04
C CYS A 26 -2.40 2.98 0.86
N GLU A 27 -2.36 2.82 2.17
CA GLU A 27 -2.83 3.83 3.10
C GLU A 27 -1.72 4.24 4.07
N PRO A 28 -1.61 5.53 4.40
CA PRO A 28 -0.69 6.02 5.38
C PRO A 28 -1.35 6.18 6.75
#